data_4E21
#
_entry.id   4E21
#
_cell.length_a   101.297
_cell.length_b   184.832
_cell.length_c   93.496
_cell.angle_alpha   90.00
_cell.angle_beta   90.00
_cell.angle_gamma   90.00
#
_symmetry.space_group_name_H-M   'C 2 2 21'
#
loop_
_entity.id
_entity.type
_entity.pdbx_description
1 polymer '6-phosphogluconate dehydrogenase (Decarboxylating)'
2 non-polymer (4R)-2-METHYLPENTANE-2,4-DIOL
3 water water
#
_entity_poly.entity_id   1
_entity_poly.type   'polypeptide(L)'
_entity_poly.pdbx_seq_one_letter_code
;(MSE)HHHHHHSSGVDLGTENLYFQS(MSE)QIG(MSE)IGLGR(MSE)GAD(MSE)VRRLRKGGHECVVYDLNVNAVQA
LEREGIAGARSIEEFCAKLVKPRVVWL(MSE)VPAAVVDS(MSE)LQR(MSE)TPLLAANDIVIDGGNSHYQDDIRRADQ
(MSE)RAQGITYVDVGTSGGIFGLERGYCL(MSE)IGGEKQAVERLDPVFRTLAPGIGAAPRTPGREKREGTAELGYLHC
GPSGAGHFVK(MSE)VHNGIEYGL(MSE)AAYAEGLNILHHANAGKEGQGADAETAPLRNPDFYRYDLDLADITEVWRRG
SVISSWLLDLSATALLDSPDLQEFQGRVSDSGEGRWTVAAAIDEGVPAHVLSSALYERFSSRGEDDFANRLLSA(MSE)R
YEFGGHREKS
;
_entity_poly.pdbx_strand_id   A,B
#
# COMPACT_ATOMS: atom_id res chain seq x y z
N SER A 22 29.10 -19.79 6.95
CA SER A 22 29.00 -20.60 5.73
C SER A 22 28.53 -22.05 5.97
N GLN A 24 26.25 -25.78 4.26
CA GLN A 24 25.80 -26.61 3.15
C GLN A 24 24.27 -26.78 3.19
N ILE A 25 23.63 -26.43 2.08
CA ILE A 25 22.18 -26.45 2.01
C ILE A 25 21.75 -27.33 0.85
N GLY A 26 20.91 -28.33 1.12
CA GLY A 26 20.30 -29.08 0.05
C GLY A 26 19.03 -28.37 -0.38
N ILE A 28 15.52 -29.01 -2.70
CA ILE A 28 14.69 -29.90 -3.51
C ILE A 28 13.56 -29.09 -4.10
N GLY A 29 13.47 -29.07 -5.43
CA GLY A 29 12.43 -28.29 -6.10
C GLY A 29 13.12 -27.16 -6.81
N LEU A 30 13.33 -27.32 -8.11
CA LEU A 30 14.20 -26.43 -8.86
C LEU A 30 13.43 -25.62 -9.90
N GLY A 31 12.22 -25.21 -9.54
CA GLY A 31 11.51 -24.24 -10.33
C GLY A 31 12.25 -22.92 -10.19
N ARG A 32 11.62 -21.85 -10.65
CA ARG A 32 12.24 -20.53 -10.65
C ARG A 32 12.70 -20.08 -9.26
N GLY A 34 13.17 -21.97 -6.38
CA GLY A 34 14.20 -22.86 -5.85
C GLY A 34 15.55 -22.59 -6.48
N ALA A 35 15.57 -22.51 -7.80
CA ALA A 35 16.78 -22.22 -8.54
C ALA A 35 17.34 -20.83 -8.20
N ASP A 36 16.47 -19.84 -8.06
CA ASP A 36 16.93 -18.48 -7.68
C ASP A 36 17.51 -18.42 -6.29
N VAL A 38 18.95 -20.94 -4.71
CA VAL A 38 20.26 -21.59 -4.83
C VAL A 38 21.29 -20.61 -5.38
N ARG A 39 20.91 -19.82 -6.38
CA ARG A 39 21.85 -18.84 -6.92
C ARG A 39 22.24 -17.78 -5.90
N ARG A 40 21.26 -17.30 -5.14
CA ARG A 40 21.57 -16.29 -4.14
C ARG A 40 22.39 -16.88 -2.99
N LEU A 41 22.09 -18.11 -2.58
CA LEU A 41 22.77 -18.73 -1.44
C LEU A 41 24.26 -18.91 -1.78
N ARG A 42 24.52 -19.45 -2.96
CA ARG A 42 25.86 -19.77 -3.42
C ARG A 42 26.67 -18.49 -3.68
N LYS A 43 26.05 -17.52 -4.36
CA LYS A 43 26.64 -16.20 -4.54
C LYS A 43 26.99 -15.58 -3.19
N GLY A 44 26.37 -16.10 -2.12
CA GLY A 44 26.62 -15.62 -0.78
C GLY A 44 27.56 -16.50 0.01
N GLY A 45 28.13 -17.52 -0.65
CA GLY A 45 29.19 -18.29 -0.05
C GLY A 45 28.81 -19.64 0.53
N HIS A 46 27.56 -20.07 0.34
CA HIS A 46 27.11 -21.34 0.86
C HIS A 46 27.24 -22.43 -0.19
N GLU A 47 27.24 -23.67 0.26
CA GLU A 47 27.39 -24.80 -0.63
C GLU A 47 26.04 -25.46 -0.82
N CYS A 48 25.66 -25.71 -2.07
CA CYS A 48 24.34 -26.23 -2.35
C CYS A 48 24.36 -27.54 -3.08
N VAL A 49 23.50 -28.45 -2.65
CA VAL A 49 23.23 -29.66 -3.40
C VAL A 49 21.76 -29.56 -3.81
N VAL A 50 21.48 -29.75 -5.08
CA VAL A 50 20.12 -29.62 -5.57
C VAL A 50 19.56 -30.96 -6.04
N TYR A 51 18.25 -31.09 -5.99
CA TYR A 51 17.59 -32.28 -6.48
C TYR A 51 16.23 -31.93 -7.02
N ASP A 52 15.77 -32.69 -8.00
CA ASP A 52 14.43 -32.50 -8.53
C ASP A 52 14.01 -33.76 -9.26
N LEU A 53 12.72 -34.07 -9.19
CA LEU A 53 12.19 -35.24 -9.88
C LEU A 53 12.47 -35.10 -11.37
N ASN A 54 12.75 -33.87 -11.79
CA ASN A 54 12.90 -33.53 -13.20
C ASN A 54 14.37 -33.33 -13.51
N VAL A 55 14.98 -34.28 -14.21
CA VAL A 55 16.44 -34.27 -14.43
C VAL A 55 16.92 -33.06 -15.25
N ASN A 56 16.16 -32.62 -16.23
CA ASN A 56 16.52 -31.40 -16.94
C ASN A 56 16.71 -30.20 -16.01
N ALA A 57 15.78 -30.04 -15.07
CA ALA A 57 15.88 -29.04 -14.02
C ALA A 57 17.18 -29.21 -13.21
N VAL A 58 17.45 -30.41 -12.74
CA VAL A 58 18.71 -30.63 -12.01
C VAL A 58 19.90 -30.28 -12.89
N GLN A 59 19.82 -30.67 -14.16
CA GLN A 59 20.93 -30.49 -15.09
C GLN A 59 21.17 -29.01 -15.45
N ALA A 60 20.10 -28.23 -15.56
CA ALA A 60 20.25 -26.78 -15.74
C ALA A 60 21.18 -26.20 -14.70
N LEU A 61 20.97 -26.56 -13.43
CA LEU A 61 21.80 -26.03 -12.35
C LEU A 61 23.21 -26.62 -12.33
N GLU A 62 23.36 -27.86 -12.78
CA GLU A 62 24.69 -28.43 -12.87
C GLU A 62 25.49 -27.67 -13.91
N ARG A 63 24.86 -27.38 -15.04
CA ARG A 63 25.43 -26.47 -16.03
C ARG A 63 25.93 -25.14 -15.46
N GLU A 64 25.45 -24.76 -14.26
CA GLU A 64 25.89 -23.51 -13.64
C GLU A 64 26.91 -23.73 -12.53
N GLY A 65 27.36 -24.98 -12.37
CA GLY A 65 28.42 -25.30 -11.43
C GLY A 65 27.94 -25.72 -10.05
N ILE A 66 26.67 -26.10 -9.95
CA ILE A 66 26.06 -26.47 -8.65
C ILE A 66 25.91 -27.99 -8.56
N ALA A 67 26.31 -28.56 -7.42
CA ALA A 67 26.24 -30.02 -7.27
C ALA A 67 24.82 -30.56 -7.39
N GLY A 68 24.63 -31.62 -8.19
CA GLY A 68 23.32 -32.22 -8.31
C GLY A 68 23.24 -33.57 -7.60
N ALA A 69 22.10 -34.24 -7.76
CA ALA A 69 21.91 -35.57 -7.20
C ALA A 69 20.84 -36.22 -8.04
N ARG A 70 21.02 -37.50 -8.34
CA ARG A 70 20.10 -38.15 -9.26
C ARG A 70 18.95 -38.86 -8.57
N SER A 71 18.93 -38.81 -7.24
CA SER A 71 17.87 -39.48 -6.49
C SER A 71 17.84 -38.86 -5.13
N ILE A 72 16.81 -39.19 -4.36
CA ILE A 72 16.70 -38.72 -2.98
C ILE A 72 17.74 -39.38 -2.08
N GLU A 73 18.19 -40.59 -2.47
CA GLU A 73 19.22 -41.32 -1.73
C GLU A 73 20.59 -40.68 -1.92
N GLU A 74 20.91 -40.31 -3.14
CA GLU A 74 22.17 -39.66 -3.40
C GLU A 74 22.20 -38.29 -2.73
N PHE A 75 21.08 -37.58 -2.85
CA PHE A 75 20.96 -36.24 -2.29
C PHE A 75 21.26 -36.28 -0.78
N CYS A 76 20.58 -37.18 -0.07
CA CYS A 76 20.84 -37.36 1.36
C CYS A 76 22.26 -37.84 1.63
N ALA A 77 22.77 -38.73 0.79
CA ALA A 77 24.18 -39.13 0.89
C ALA A 77 25.14 -37.92 0.78
N LYS A 78 24.85 -36.99 -0.12
CA LYS A 78 25.81 -35.90 -0.35
C LYS A 78 25.79 -34.84 0.74
N LEU A 79 24.76 -34.86 1.59
CA LEU A 79 24.64 -33.82 2.62
C LEU A 79 25.19 -34.28 3.95
N VAL A 80 26.16 -33.54 4.48
CA VAL A 80 26.81 -33.86 5.76
C VAL A 80 25.88 -33.56 6.94
N LYS A 81 25.86 -34.46 7.93
CA LYS A 81 25.03 -34.29 9.12
C LYS A 81 25.66 -33.32 10.15
N PRO A 82 24.84 -32.49 10.82
CA PRO A 82 23.39 -32.31 10.69
C PRO A 82 23.06 -31.66 9.36
N ARG A 83 22.06 -32.17 8.66
CA ARG A 83 21.69 -31.63 7.37
C ARG A 83 20.73 -30.46 7.50
N VAL A 84 20.71 -29.62 6.47
CA VAL A 84 19.70 -28.61 6.27
C VAL A 84 19.07 -28.81 4.90
N VAL A 85 17.82 -29.24 4.87
CA VAL A 85 17.12 -29.47 3.60
C VAL A 85 16.03 -28.41 3.39
N TRP A 86 16.11 -27.70 2.26
CA TRP A 86 15.11 -26.70 1.90
C TRP A 86 14.20 -27.24 0.80
N LEU A 87 12.89 -27.14 1.01
CA LEU A 87 11.91 -27.58 0.02
C LEU A 87 11.23 -26.41 -0.68
N VAL A 89 8.91 -27.18 -3.44
CA VAL A 89 8.10 -28.02 -4.31
C VAL A 89 6.65 -27.59 -4.21
N PRO A 90 5.82 -27.99 -5.19
CA PRO A 90 4.38 -27.77 -5.10
C PRO A 90 3.85 -28.29 -3.78
N ALA A 91 2.91 -27.57 -3.20
CA ALA A 91 2.31 -27.91 -1.92
C ALA A 91 1.84 -29.36 -1.86
N ALA A 92 1.24 -29.85 -2.92
CA ALA A 92 0.61 -31.17 -2.94
C ALA A 92 1.65 -32.30 -3.01
N VAL A 93 2.90 -31.92 -3.22
CA VAL A 93 4.01 -32.85 -3.35
C VAL A 93 4.79 -33.05 -2.02
N VAL A 94 4.49 -32.22 -1.03
CA VAL A 94 5.33 -32.13 0.15
C VAL A 94 5.32 -33.40 1.02
N ASP A 95 4.13 -33.88 1.36
CA ASP A 95 4.03 -35.05 2.23
C ASP A 95 4.69 -36.30 1.65
N SER A 96 4.52 -36.50 0.34
CA SER A 96 5.13 -37.62 -0.36
C SER A 96 6.64 -37.44 -0.35
N LEU A 98 8.42 -35.85 2.00
CA LEU A 98 8.87 -36.17 3.34
C LEU A 98 8.86 -37.69 3.59
N GLN A 99 7.91 -38.40 3.00
CA GLN A 99 7.79 -39.83 3.23
C GLN A 99 8.96 -40.56 2.58
N ARG A 100 9.31 -40.14 1.39
CA ARG A 100 10.36 -40.79 0.63
C ARG A 100 11.72 -40.52 1.27
N THR A 102 12.50 -39.09 4.75
CA THR A 102 12.74 -39.21 6.18
C THR A 102 13.51 -40.48 6.60
N PRO A 103 13.28 -41.63 5.92
CA PRO A 103 14.04 -42.80 6.36
C PRO A 103 15.55 -42.70 6.11
N LEU A 104 16.01 -41.75 5.30
CA LEU A 104 17.45 -41.57 5.11
C LEU A 104 17.96 -40.39 5.94
N LEU A 105 17.06 -39.71 6.64
CA LEU A 105 17.49 -38.55 7.43
C LEU A 105 17.88 -39.01 8.82
N ALA A 106 18.44 -38.09 9.60
CA ALA A 106 18.95 -38.43 10.93
C ALA A 106 18.51 -37.41 11.95
N ALA A 107 18.34 -37.84 13.20
CA ALA A 107 18.13 -36.90 14.28
C ALA A 107 19.10 -35.70 14.19
N ASN A 108 18.62 -34.52 14.61
CA ASN A 108 19.38 -33.26 14.50
C ASN A 108 19.34 -32.63 13.12
N ASP A 109 18.89 -33.37 12.11
CA ASP A 109 18.65 -32.73 10.80
C ASP A 109 17.56 -31.66 10.89
N ILE A 110 17.64 -30.66 10.02
CA ILE A 110 16.61 -29.66 9.89
C ILE A 110 16.04 -29.75 8.48
N VAL A 111 14.71 -29.80 8.38
CA VAL A 111 14.03 -29.73 7.09
C VAL A 111 13.18 -28.43 7.07
N ILE A 112 13.32 -27.67 6.01
CA ILE A 112 12.58 -26.42 5.83
C ILE A 112 11.63 -26.48 4.63
N ASP A 113 10.36 -26.16 4.84
CA ASP A 113 9.43 -26.04 3.74
C ASP A 113 9.23 -24.57 3.44
N GLY A 114 9.79 -24.12 2.34
CA GLY A 114 9.76 -22.71 2.01
C GLY A 114 8.62 -22.39 1.04
N GLY A 115 7.85 -23.40 0.69
CA GLY A 115 6.83 -23.24 -0.33
C GLY A 115 5.51 -22.69 0.15
N ASN A 116 4.48 -22.85 -0.67
CA ASN A 116 3.15 -22.36 -0.38
C ASN A 116 2.27 -23.42 0.27
N SER A 117 2.65 -23.83 1.47
CA SER A 117 1.87 -24.81 2.20
C SER A 117 1.02 -24.10 3.22
N HIS A 118 -0.12 -24.70 3.55
CA HIS A 118 -1.00 -24.15 4.57
C HIS A 118 -0.42 -24.47 5.95
N TYR A 119 -0.50 -23.54 6.88
CA TYR A 119 0.20 -23.67 8.16
C TYR A 119 -0.29 -24.82 9.04
N GLN A 120 -1.52 -25.27 8.85
CA GLN A 120 -1.99 -26.42 9.62
C GLN A 120 -1.28 -27.71 9.19
N ASP A 121 -0.90 -27.79 7.92
CA ASP A 121 -0.07 -28.89 7.48
C ASP A 121 1.30 -28.84 8.15
N ASP A 122 1.88 -27.65 8.28
CA ASP A 122 3.16 -27.51 8.98
C ASP A 122 3.07 -28.06 10.40
N ILE A 123 1.96 -27.82 11.08
CA ILE A 123 1.85 -28.19 12.47
C ILE A 123 1.83 -29.72 12.63
N ARG A 124 1.14 -30.38 11.71
CA ARG A 124 1.07 -31.82 11.69
C ARG A 124 2.45 -32.36 11.29
N ARG A 125 3.00 -31.83 10.20
CA ARG A 125 4.30 -32.31 9.72
C ARG A 125 5.39 -32.17 10.76
N ALA A 126 5.41 -31.03 11.45
CA ALA A 126 6.48 -30.76 12.42
C ALA A 126 6.39 -31.77 13.53
N ASP A 127 5.17 -32.16 13.85
CA ASP A 127 4.95 -33.19 14.85
C ASP A 127 5.54 -34.54 14.50
N GLN A 128 5.26 -34.99 13.28
CA GLN A 128 5.73 -36.29 12.83
C GLN A 128 7.26 -36.32 12.74
N ARG A 130 9.33 -34.50 14.47
CA ARG A 130 9.89 -34.41 15.79
C ARG A 130 10.00 -35.79 16.42
N ALA A 131 9.06 -36.67 16.07
CA ALA A 131 9.10 -38.05 16.55
C ALA A 131 10.32 -38.80 16.03
N GLN A 132 11.07 -38.20 15.11
CA GLN A 132 12.29 -38.81 14.65
C GLN A 132 13.47 -37.91 14.86
N GLY A 133 13.34 -36.96 15.79
CA GLY A 133 14.45 -36.08 16.12
C GLY A 133 14.84 -35.09 15.02
N ILE A 134 13.95 -34.91 14.05
CA ILE A 134 14.18 -33.94 12.97
C ILE A 134 13.34 -32.68 13.16
N THR A 135 13.97 -31.51 13.11
CA THR A 135 13.24 -30.27 13.33
C THR A 135 12.72 -29.71 12.01
N TYR A 136 11.43 -29.47 11.96
CA TYR A 136 10.76 -28.99 10.75
C TYR A 136 10.46 -27.49 10.84
N VAL A 137 11.04 -26.71 9.92
CA VAL A 137 10.92 -25.26 9.92
C VAL A 137 10.06 -24.79 8.74
N ASP A 138 9.05 -23.96 9.00
CA ASP A 138 8.26 -23.38 7.92
C ASP A 138 8.72 -21.96 7.56
N VAL A 139 8.88 -21.71 6.27
CA VAL A 139 9.26 -20.37 5.83
C VAL A 139 8.31 -19.83 4.76
N GLY A 140 7.70 -18.68 5.05
CA GLY A 140 6.92 -17.96 4.06
C GLY A 140 7.86 -17.00 3.35
N THR A 141 7.89 -17.07 2.03
CA THR A 141 8.84 -16.29 1.27
C THR A 141 8.10 -15.22 0.47
N SER A 142 8.57 -13.99 0.55
CA SER A 142 8.00 -12.94 -0.27
C SER A 142 9.10 -12.35 -1.15
N GLY A 143 8.75 -11.91 -2.35
CA GLY A 143 9.74 -11.27 -3.20
C GLY A 143 9.83 -11.81 -4.61
N GLY A 144 9.43 -13.07 -4.79
CA GLY A 144 9.39 -13.66 -6.12
C GLY A 144 10.67 -13.45 -6.90
N ILE A 145 10.54 -13.16 -8.18
CA ILE A 145 11.70 -13.03 -9.07
C ILE A 145 12.70 -11.94 -8.66
N PHE A 146 12.28 -11.04 -7.79
CA PHE A 146 13.11 -9.90 -7.40
C PHE A 146 14.05 -10.28 -6.28
N GLY A 147 13.80 -11.44 -5.66
CA GLY A 147 14.54 -11.86 -4.49
C GLY A 147 16.00 -12.18 -4.78
N LEU A 148 16.24 -12.76 -5.95
CA LEU A 148 17.61 -13.08 -6.40
C LEU A 148 18.59 -11.95 -6.04
N GLU A 149 18.30 -10.74 -6.54
CA GLU A 149 19.17 -9.57 -6.33
C GLU A 149 18.88 -8.73 -5.09
N ARG A 150 17.61 -8.62 -4.72
CA ARG A 150 17.24 -7.75 -3.62
C ARG A 150 16.97 -8.49 -2.31
N GLY A 151 17.00 -9.83 -2.35
CA GLY A 151 16.70 -10.59 -1.16
C GLY A 151 15.21 -10.80 -0.97
N TYR A 152 14.86 -11.85 -0.23
CA TYR A 152 13.48 -12.23 -0.01
C TYR A 152 13.08 -11.83 1.40
N CYS A 153 11.85 -11.37 1.57
CA CYS A 153 11.29 -11.20 2.91
C CYS A 153 10.91 -12.59 3.46
N LEU A 154 11.31 -12.92 4.68
CA LEU A 154 11.15 -14.30 5.19
C LEU A 154 10.40 -14.38 6.49
N ILE A 156 9.27 -16.88 9.39
CA ILE A 156 9.82 -18.15 9.84
C ILE A 156 9.09 -18.72 11.06
N GLY A 157 8.65 -19.96 10.93
CA GLY A 157 8.04 -20.65 12.05
C GLY A 157 8.81 -21.89 12.43
N GLY A 158 8.84 -22.22 13.73
CA GLY A 158 9.49 -23.44 14.19
C GLY A 158 10.23 -23.29 15.51
N GLU A 159 10.95 -24.33 15.93
CA GLU A 159 11.69 -24.31 17.18
C GLU A 159 12.83 -23.30 17.17
N LYS A 160 12.98 -22.55 18.25
CA LYS A 160 14.03 -21.53 18.31
C LYS A 160 15.46 -22.01 17.96
N GLN A 161 15.83 -23.20 18.41
CA GLN A 161 17.18 -23.71 18.23
C GLN A 161 17.51 -23.91 16.75
N ALA A 162 16.59 -24.52 16.04
CA ALA A 162 16.74 -24.72 14.62
C ALA A 162 16.87 -23.36 13.93
N VAL A 163 15.96 -22.46 14.26
CA VAL A 163 15.92 -21.17 13.56
C VAL A 163 17.21 -20.39 13.79
N GLU A 164 17.75 -20.47 15.01
CA GLU A 164 19.02 -19.83 15.32
C GLU A 164 20.20 -20.47 14.58
N ARG A 165 20.19 -21.79 14.47
CA ARG A 165 21.19 -22.48 13.66
C ARG A 165 21.08 -22.09 12.19
N LEU A 166 19.88 -21.71 11.77
CA LEU A 166 19.63 -21.37 10.37
C LEU A 166 20.03 -19.93 10.05
N ASP A 167 20.32 -19.16 11.08
CA ASP A 167 20.58 -17.74 10.92
C ASP A 167 21.46 -17.36 9.71
N PRO A 168 22.60 -18.04 9.51
CA PRO A 168 23.42 -17.62 8.37
C PRO A 168 22.70 -17.79 7.02
N VAL A 169 21.85 -18.79 6.90
CA VAL A 169 21.11 -18.95 5.65
C VAL A 169 20.11 -17.79 5.45
N PHE A 170 19.41 -17.42 6.52
CA PHE A 170 18.41 -16.37 6.44
C PHE A 170 19.06 -15.03 6.13
N ARG A 171 20.23 -14.78 6.71
CA ARG A 171 20.94 -13.53 6.47
C ARG A 171 21.32 -13.34 5.01
N THR A 172 21.78 -14.40 4.36
CA THR A 172 22.07 -14.36 2.93
C THR A 172 20.80 -14.12 2.12
N LEU A 173 19.71 -14.77 2.50
CA LEU A 173 18.49 -14.70 1.70
C LEU A 173 17.78 -13.35 1.83
N ALA A 174 17.83 -12.76 3.02
CA ALA A 174 17.11 -11.53 3.30
C ALA A 174 17.77 -10.30 2.65
N PRO A 175 17.01 -9.20 2.54
CA PRO A 175 17.51 -7.96 1.92
C PRO A 175 18.63 -7.29 2.72
N GLY A 176 18.57 -7.37 4.05
CA GLY A 176 19.53 -6.63 4.86
C GLY A 176 18.95 -5.26 5.14
N ILE A 177 19.39 -4.63 6.22
CA ILE A 177 18.76 -3.42 6.74
C ILE A 177 18.78 -2.26 5.72
N GLY A 178 19.79 -2.26 4.86
CA GLY A 178 19.95 -1.21 3.86
C GLY A 178 18.81 -1.10 2.87
N ALA A 179 17.95 -2.11 2.83
CA ALA A 179 16.84 -2.10 1.88
C ALA A 179 15.80 -0.99 2.14
N ALA A 180 15.89 -0.33 3.29
CA ALA A 180 14.95 0.73 3.65
C ALA A 180 15.43 1.55 4.83
N PRO A 181 15.03 2.84 4.88
CA PRO A 181 15.32 3.70 6.03
C PRO A 181 14.89 3.03 7.33
N ARG A 182 15.62 3.29 8.41
CA ARG A 182 15.26 2.75 9.70
C ARG A 182 14.03 3.43 10.27
N THR A 183 13.19 2.63 10.92
CA THR A 183 12.09 3.16 11.69
C THR A 183 12.61 3.82 12.95
N PRO A 184 12.36 5.13 13.09
CA PRO A 184 12.69 5.91 14.30
C PRO A 184 12.36 5.15 15.57
N GLY A 185 13.38 4.79 16.33
CA GLY A 185 13.19 4.15 17.62
C GLY A 185 13.43 2.65 17.59
N ARG A 186 13.74 2.14 16.40
CA ARG A 186 13.90 0.70 16.17
C ARG A 186 15.07 0.20 17.00
N GLU A 187 15.99 1.10 17.30
CA GLU A 187 17.13 0.79 18.16
C GLU A 187 16.70 0.41 19.59
N LYS A 188 15.43 0.65 19.90
CA LYS A 188 14.85 0.30 21.19
C LYS A 188 14.56 -1.22 21.27
N ARG A 189 14.65 -1.90 20.14
CA ARG A 189 14.30 -3.31 20.08
C ARG A 189 15.45 -4.16 19.57
N GLU A 190 15.41 -5.44 19.88
CA GLU A 190 16.36 -6.38 19.30
C GLU A 190 15.65 -7.33 18.33
N GLY A 191 16.36 -8.37 17.89
CA GLY A 191 15.81 -9.30 16.92
C GLY A 191 16.20 -8.89 15.51
N THR A 192 15.68 -9.60 14.54
CA THR A 192 16.15 -9.44 13.18
C THR A 192 15.12 -8.74 12.28
N ALA A 193 14.02 -8.26 12.85
CA ALA A 193 12.95 -7.74 12.00
C ALA A 193 13.47 -6.74 10.96
N GLU A 194 14.44 -5.90 11.34
CA GLU A 194 15.00 -4.88 10.43
C GLU A 194 15.84 -5.43 9.29
N LEU A 195 16.16 -6.71 9.33
CA LEU A 195 17.00 -7.28 8.30
C LEU A 195 16.17 -7.87 7.18
N GLY A 196 14.83 -7.91 7.36
CA GLY A 196 13.94 -8.53 6.40
C GLY A 196 13.56 -10.01 6.59
N TYR A 197 13.95 -10.59 7.73
CA TYR A 197 13.47 -11.92 8.08
C TYR A 197 13.13 -11.97 9.56
N LEU A 198 12.22 -12.86 9.94
CA LEU A 198 11.63 -12.78 11.27
C LEU A 198 11.16 -14.14 11.72
N HIS A 199 11.59 -14.54 12.92
CA HIS A 199 11.08 -15.73 13.54
C HIS A 199 9.75 -15.33 14.14
N CYS A 200 8.67 -15.81 13.53
CA CYS A 200 7.34 -15.36 13.89
C CYS A 200 6.72 -16.11 15.06
N GLY A 201 7.20 -17.33 15.32
CA GLY A 201 6.59 -18.15 16.34
C GLY A 201 6.90 -19.62 16.14
N PRO A 202 6.18 -20.48 16.85
CA PRO A 202 6.35 -21.93 16.74
C PRO A 202 5.85 -22.40 15.38
N SER A 203 5.96 -23.69 15.13
CA SER A 203 5.63 -24.27 13.84
C SER A 203 4.30 -23.74 13.22
N GLY A 204 4.36 -23.35 11.96
CA GLY A 204 3.20 -22.79 11.26
C GLY A 204 3.17 -21.27 11.21
N ALA A 205 3.70 -20.62 12.24
CA ALA A 205 3.62 -19.16 12.34
C ALA A 205 4.18 -18.43 11.11
N GLY A 206 5.20 -19.01 10.49
CA GLY A 206 5.82 -18.43 9.31
C GLY A 206 4.83 -18.42 8.17
N HIS A 207 4.28 -19.59 7.84
CA HIS A 207 3.30 -19.66 6.75
C HIS A 207 2.01 -18.90 7.12
N PHE A 208 1.69 -18.85 8.40
CA PHE A 208 0.52 -18.12 8.82
C PHE A 208 0.68 -16.62 8.53
N VAL A 209 1.86 -16.07 8.80
CA VAL A 209 2.09 -14.66 8.54
C VAL A 209 2.18 -14.36 7.03
N LYS A 210 2.77 -15.29 6.27
CA LYS A 210 2.85 -15.22 4.81
C LYS A 210 1.47 -15.23 4.17
N VAL A 212 -1.40 -14.20 5.48
CA VAL A 212 -2.06 -12.94 5.72
C VAL A 212 -1.41 -11.80 4.90
N HIS A 213 -0.09 -11.84 4.77
CA HIS A 213 0.63 -11.00 3.83
C HIS A 213 -0.03 -10.97 2.44
N ASN A 214 -0.34 -12.14 1.91
CA ASN A 214 -0.94 -12.24 0.58
C ASN A 214 -2.36 -11.73 0.58
N GLY A 215 -3.10 -12.01 1.64
CA GLY A 215 -4.47 -11.53 1.78
C GLY A 215 -4.46 -10.02 1.71
N ILE A 216 -3.60 -9.40 2.52
CA ILE A 216 -3.41 -7.95 2.51
C ILE A 216 -3.04 -7.48 1.10
N GLU A 217 -2.09 -8.17 0.47
CA GLU A 217 -1.70 -7.83 -0.90
C GLU A 217 -2.88 -7.77 -1.88
N TYR A 218 -3.83 -8.70 -1.76
CA TYR A 218 -5.01 -8.71 -2.57
C TYR A 218 -5.82 -7.44 -2.35
N GLY A 219 -6.02 -7.09 -1.07
CA GLY A 219 -6.73 -5.90 -0.64
C GLY A 219 -6.10 -4.65 -1.20
N LEU A 220 -4.76 -4.53 -1.13
CA LEU A 220 -4.08 -3.34 -1.64
C LEU A 220 -4.28 -3.22 -3.14
N ALA A 222 -6.65 -4.52 -4.97
CA ALA A 222 -8.06 -4.22 -5.21
C ALA A 222 -8.38 -2.74 -5.02
N ALA A 223 -7.76 -2.12 -3.99
CA ALA A 223 -8.00 -0.72 -3.69
C ALA A 223 -7.50 0.22 -4.81
N TYR A 224 -6.27 0.00 -5.27
CA TYR A 224 -5.75 0.71 -6.43
C TYR A 224 -6.60 0.46 -7.67
N ALA A 225 -6.90 -0.80 -7.95
CA ALA A 225 -7.66 -1.21 -9.14
C ALA A 225 -9.02 -0.54 -9.22
N GLU A 226 -9.81 -0.61 -8.14
CA GLU A 226 -11.11 0.05 -8.10
C GLU A 226 -10.94 1.55 -8.29
N GLY A 227 -9.98 2.13 -7.57
CA GLY A 227 -9.77 3.57 -7.64
C GLY A 227 -9.42 4.02 -9.04
N LEU A 228 -8.44 3.39 -9.66
CA LEU A 228 -8.11 3.71 -11.04
C LEU A 228 -9.29 3.44 -11.99
N ASN A 229 -10.14 2.46 -11.68
CA ASN A 229 -11.32 2.23 -12.51
C ASN A 229 -12.32 3.39 -12.47
N ILE A 230 -12.40 4.04 -11.31
CA ILE A 230 -13.22 5.24 -11.16
C ILE A 230 -12.66 6.39 -12.02
N LEU A 231 -11.34 6.56 -12.01
CA LEU A 231 -10.68 7.53 -12.90
C LEU A 231 -10.93 7.21 -14.38
N HIS A 232 -10.80 5.94 -14.72
CA HIS A 232 -10.95 5.46 -16.08
C HIS A 232 -12.35 5.74 -16.63
N HIS A 233 -13.33 5.79 -15.74
CA HIS A 233 -14.72 6.04 -16.13
C HIS A 233 -15.14 7.51 -15.89
N ALA A 234 -14.18 8.40 -15.64
CA ALA A 234 -14.47 9.79 -15.25
C ALA A 234 -14.96 10.59 -16.46
N ASN A 235 -14.93 9.95 -17.63
CA ASN A 235 -15.50 10.52 -18.85
C ASN A 235 -16.87 9.92 -19.16
N ALA A 236 -17.51 9.31 -18.18
CA ALA A 236 -18.79 8.63 -18.42
C ALA A 236 -19.80 9.57 -19.07
N GLY A 237 -19.78 10.84 -18.69
CA GLY A 237 -20.61 11.84 -19.35
C GLY A 237 -20.13 12.07 -20.77
N ASN A 252 -26.20 14.29 -14.19
CA ASN A 252 -25.35 15.40 -14.62
C ASN A 252 -24.10 14.98 -15.37
N PRO A 253 -24.24 14.62 -16.63
CA PRO A 253 -23.11 14.15 -17.45
C PRO A 253 -21.98 15.17 -17.46
N ASP A 254 -22.31 16.45 -17.30
CA ASP A 254 -21.31 17.51 -17.24
C ASP A 254 -20.28 17.35 -16.13
N PHE A 255 -20.59 16.54 -15.12
CA PHE A 255 -19.65 16.32 -14.04
C PHE A 255 -18.75 15.08 -14.27
N TYR A 256 -18.90 14.45 -15.43
CA TYR A 256 -18.11 13.28 -15.76
C TYR A 256 -17.60 13.39 -17.19
N ARG A 257 -16.81 14.43 -17.42
CA ARG A 257 -16.25 14.66 -18.75
C ARG A 257 -14.76 14.82 -18.65
N TYR A 258 -14.15 14.12 -17.69
CA TYR A 258 -12.72 14.17 -17.54
C TYR A 258 -12.05 13.03 -18.30
N ASP A 259 -11.06 13.39 -19.11
CA ASP A 259 -10.22 12.40 -19.78
C ASP A 259 -8.89 12.33 -19.05
N LEU A 260 -8.77 11.46 -18.07
CA LEU A 260 -7.61 11.49 -17.19
C LEU A 260 -6.47 10.65 -17.74
N ASP A 261 -5.25 11.04 -17.43
CA ASP A 261 -4.09 10.24 -17.85
C ASP A 261 -3.62 9.34 -16.70
N LEU A 262 -4.05 8.09 -16.73
CA LEU A 262 -3.83 7.18 -15.61
C LEU A 262 -2.33 6.92 -15.40
N ALA A 263 -1.58 6.81 -16.49
CA ALA A 263 -0.15 6.57 -16.39
C ALA A 263 0.48 7.72 -15.64
N ASP A 264 0.09 8.94 -16.01
CA ASP A 264 0.67 10.10 -15.38
C ASP A 264 0.22 10.26 -13.94
N ILE A 265 -1.05 9.97 -13.70
CA ILE A 265 -1.60 10.07 -12.35
C ILE A 265 -0.92 9.09 -11.39
N THR A 266 -0.80 7.82 -11.78
CA THR A 266 -0.06 6.90 -10.93
C THR A 266 1.41 7.33 -10.77
N GLU A 267 2.00 7.91 -11.82
CA GLU A 267 3.37 8.41 -11.68
C GLU A 267 3.45 9.51 -10.63
N VAL A 268 2.56 10.50 -10.74
CA VAL A 268 2.54 11.60 -9.78
C VAL A 268 2.31 11.12 -8.33
N TRP A 269 1.49 10.09 -8.14
CA TRP A 269 1.28 9.56 -6.79
C TRP A 269 2.51 8.92 -6.14
N ARG A 270 3.53 8.57 -6.93
CA ARG A 270 4.73 7.95 -6.37
C ARG A 270 5.56 8.91 -5.52
N ARG A 271 5.27 10.22 -5.64
CA ARG A 271 6.06 11.23 -4.95
C ARG A 271 5.22 12.21 -4.13
N GLY A 272 5.34 12.15 -2.82
CA GLY A 272 4.63 13.07 -1.96
C GLY A 272 3.24 12.64 -1.51
N SER A 273 2.64 11.64 -2.17
CA SER A 273 1.30 11.24 -1.75
C SER A 273 1.31 10.24 -0.57
N VAL A 274 0.15 10.02 0.01
CA VAL A 274 -0.03 9.07 1.10
C VAL A 274 -0.03 7.62 0.60
N ILE A 275 -0.32 7.41 -0.68
CA ILE A 275 -0.52 6.05 -1.18
C ILE A 275 0.64 5.50 -2.03
N SER A 276 1.84 6.07 -1.86
CA SER A 276 2.98 5.54 -2.59
C SER A 276 3.33 4.13 -2.03
N SER A 277 3.74 3.23 -2.92
CA SER A 277 3.99 1.84 -2.53
C SER A 277 4.62 1.10 -3.69
N TRP A 278 5.17 -0.07 -3.39
CA TRP A 278 5.73 -0.94 -4.41
C TRP A 278 4.65 -1.30 -5.44
N LEU A 279 3.48 -1.70 -4.96
CA LEU A 279 2.35 -1.98 -5.85
C LEU A 279 1.98 -0.76 -6.75
N LEU A 280 2.08 0.45 -6.22
CA LEU A 280 1.84 1.65 -7.05
C LEU A 280 2.93 1.77 -8.11
N ASP A 281 4.17 1.54 -7.70
CA ASP A 281 5.30 1.54 -8.62
C ASP A 281 5.07 0.58 -9.78
N LEU A 282 4.51 -0.59 -9.49
CA LEU A 282 4.25 -1.57 -10.53
C LEU A 282 3.12 -1.15 -11.45
N SER A 283 2.07 -0.58 -10.87
CA SER A 283 0.95 -0.03 -11.64
C SER A 283 1.42 1.04 -12.61
N ALA A 284 2.25 1.96 -12.11
CA ALA A 284 2.76 3.03 -12.97
C ALA A 284 3.57 2.46 -14.15
N THR A 285 4.37 1.43 -13.90
CA THR A 285 5.18 0.80 -14.97
C THR A 285 4.30 0.19 -16.07
N ALA A 286 3.34 -0.64 -15.67
CA ALA A 286 2.41 -1.29 -16.60
C ALA A 286 1.63 -0.29 -17.41
N LEU A 287 1.09 0.72 -16.72
CA LEU A 287 0.29 1.73 -17.37
C LEU A 287 1.13 2.58 -18.34
N LEU A 288 2.42 2.75 -18.03
CA LEU A 288 3.31 3.48 -18.93
C LEU A 288 3.36 2.74 -20.26
N ASP A 289 3.57 1.42 -20.20
CA ASP A 289 3.68 0.58 -21.38
C ASP A 289 2.37 0.53 -22.14
N SER A 290 1.28 0.44 -21.41
CA SER A 290 0.01 0.15 -22.03
C SER A 290 -1.13 0.88 -21.36
N PRO A 291 -1.30 2.17 -21.68
CA PRO A 291 -2.27 3.04 -21.01
C PRO A 291 -3.67 2.46 -20.92
N ASP A 292 -3.99 1.50 -21.77
CA ASP A 292 -5.30 0.85 -21.75
C ASP A 292 -5.23 -0.64 -21.45
N LEU A 293 -4.04 -1.13 -21.08
CA LEU A 293 -3.87 -2.51 -20.65
C LEU A 293 -4.53 -3.51 -21.61
N GLN A 294 -4.50 -3.22 -22.91
CA GLN A 294 -5.26 -4.03 -23.86
C GLN A 294 -4.65 -5.40 -24.11
N GLU A 295 -3.38 -5.58 -23.74
CA GLU A 295 -2.79 -6.90 -23.89
C GLU A 295 -2.79 -7.72 -22.60
N PHE A 296 -3.71 -7.41 -21.69
CA PHE A 296 -3.82 -8.15 -20.43
C PHE A 296 -5.20 -8.78 -20.31
N ARG A 299 -9.34 -11.60 -16.57
CA ARG A 299 -9.36 -12.92 -15.86
C ARG A 299 -8.17 -13.08 -14.94
N VAL A 300 -8.43 -12.98 -13.65
CA VAL A 300 -7.36 -12.93 -12.66
C VAL A 300 -7.38 -14.21 -11.83
N SER A 301 -6.28 -14.94 -11.82
CA SER A 301 -6.22 -16.16 -11.03
C SER A 301 -5.83 -15.84 -9.60
N ASP A 302 -5.87 -16.82 -8.71
CA ASP A 302 -5.48 -16.61 -7.32
C ASP A 302 -4.86 -17.92 -6.84
N SER A 303 -3.92 -17.87 -5.90
CA SER A 303 -3.10 -19.06 -5.61
C SER A 303 -3.37 -19.77 -4.28
N GLY A 304 -4.27 -19.25 -3.46
CA GLY A 304 -4.60 -19.96 -2.24
C GLY A 304 -4.49 -19.15 -0.95
N GLU A 305 -3.37 -18.46 -0.76
CA GLU A 305 -3.18 -17.69 0.47
C GLU A 305 -4.31 -16.67 0.72
N GLY A 306 -4.81 -16.07 -0.36
CA GLY A 306 -5.92 -15.16 -0.25
C GLY A 306 -7.11 -15.87 0.35
N ARG A 307 -7.43 -17.02 -0.25
CA ARG A 307 -8.49 -17.89 0.24
C ARG A 307 -8.28 -18.29 1.69
N TRP A 308 -7.05 -18.68 2.03
CA TRP A 308 -6.80 -19.18 3.37
C TRP A 308 -6.90 -18.06 4.39
N THR A 309 -6.56 -16.85 3.97
CA THR A 309 -6.67 -15.68 4.84
C THR A 309 -8.12 -15.44 5.28
N VAL A 310 -9.05 -15.53 4.33
CA VAL A 310 -10.45 -15.29 4.65
C VAL A 310 -10.96 -16.41 5.57
N ALA A 311 -10.55 -17.65 5.32
CA ALA A 311 -10.94 -18.77 6.17
C ALA A 311 -10.48 -18.56 7.60
N ALA A 312 -9.27 -18.02 7.78
CA ALA A 312 -8.75 -17.76 9.12
C ALA A 312 -9.53 -16.62 9.77
N ALA A 313 -9.83 -15.58 8.99
CA ALA A 313 -10.71 -14.51 9.49
C ALA A 313 -12.01 -15.06 10.05
N ILE A 314 -12.61 -15.96 9.29
CA ILE A 314 -13.90 -16.50 9.67
C ILE A 314 -13.83 -17.38 10.92
N ASP A 315 -12.79 -18.21 11.01
CA ASP A 315 -12.54 -18.97 12.24
C ASP A 315 -12.38 -18.06 13.45
N GLU A 316 -11.68 -16.95 13.28
CA GLU A 316 -11.36 -16.06 14.39
C GLU A 316 -12.47 -15.05 14.70
N GLY A 317 -13.44 -14.92 13.79
CA GLY A 317 -14.51 -13.93 13.92
C GLY A 317 -14.02 -12.52 13.69
N VAL A 318 -13.04 -12.37 12.81
CA VAL A 318 -12.53 -11.05 12.48
C VAL A 318 -13.21 -10.52 11.21
N PRO A 319 -13.78 -9.28 11.25
CA PRO A 319 -14.43 -8.76 10.05
C PRO A 319 -13.40 -8.62 8.95
N ALA A 320 -13.73 -9.03 7.72
CA ALA A 320 -12.75 -9.05 6.64
C ALA A 320 -13.32 -8.57 5.30
N HIS A 321 -14.21 -7.58 5.36
CA HIS A 321 -14.89 -7.07 4.17
C HIS A 321 -13.95 -6.83 2.98
N VAL A 322 -12.86 -6.14 3.24
CA VAL A 322 -12.02 -5.66 2.16
C VAL A 322 -11.21 -6.80 1.56
N LEU A 323 -10.57 -7.56 2.43
CA LEU A 323 -9.84 -8.75 2.02
C LEU A 323 -10.74 -9.77 1.24
N SER A 324 -11.95 -10.01 1.71
CA SER A 324 -12.85 -10.98 1.05
C SER A 324 -13.35 -10.46 -0.30
N SER A 325 -13.77 -9.19 -0.33
CA SER A 325 -14.20 -8.59 -1.59
C SER A 325 -13.10 -8.55 -2.64
N ALA A 326 -11.86 -8.31 -2.23
CA ALA A 326 -10.74 -8.42 -3.17
C ALA A 326 -10.72 -9.80 -3.81
N LEU A 327 -10.79 -10.82 -2.96
CA LEU A 327 -10.83 -12.20 -3.41
C LEU A 327 -11.99 -12.44 -4.38
N TYR A 328 -13.19 -11.99 -3.99
CA TYR A 328 -14.40 -12.26 -4.77
C TYR A 328 -14.36 -11.56 -6.11
N GLU A 329 -13.64 -10.45 -6.15
CA GLU A 329 -13.46 -9.76 -7.43
C GLU A 329 -12.65 -10.61 -8.39
N ARG A 330 -11.61 -11.27 -7.89
CA ARG A 330 -10.90 -12.24 -8.73
C ARG A 330 -11.78 -13.39 -9.20
N PHE A 331 -12.62 -13.94 -8.32
CA PHE A 331 -13.53 -15.01 -8.73
C PHE A 331 -14.46 -14.49 -9.86
N SER A 332 -15.07 -13.33 -9.67
CA SER A 332 -16.04 -12.87 -10.66
C SER A 332 -15.35 -12.52 -11.98
N SER A 333 -14.07 -12.16 -11.91
CA SER A 333 -13.31 -11.82 -13.10
C SER A 333 -13.13 -13.07 -13.97
N ARG A 334 -13.36 -14.23 -13.39
CA ARG A 334 -13.29 -15.43 -14.18
C ARG A 334 -14.67 -15.89 -14.58
N GLY A 335 -15.68 -15.10 -14.27
CA GLY A 335 -17.03 -15.46 -14.66
C GLY A 335 -17.74 -16.39 -13.70
N GLU A 336 -17.15 -16.66 -12.54
CA GLU A 336 -17.80 -17.50 -11.53
C GLU A 336 -19.08 -16.87 -10.97
N ASP A 337 -19.29 -15.58 -11.20
CA ASP A 337 -20.54 -14.94 -10.81
C ASP A 337 -21.69 -15.27 -11.76
N ASP A 338 -21.37 -15.89 -12.88
CA ASP A 338 -22.32 -16.03 -13.98
C ASP A 338 -23.69 -16.57 -13.59
N PHE A 339 -23.71 -17.67 -12.87
CA PHE A 339 -25.01 -18.27 -12.50
C PHE A 339 -25.84 -17.38 -11.55
N ALA A 340 -25.18 -16.69 -10.64
CA ALA A 340 -25.89 -15.73 -9.79
C ALA A 340 -26.50 -14.62 -10.65
N ASN A 341 -25.79 -14.21 -11.71
CA ASN A 341 -26.25 -13.12 -12.59
C ASN A 341 -27.46 -13.54 -13.39
N ARG A 342 -27.47 -14.80 -13.83
CA ARG A 342 -28.61 -15.29 -14.58
C ARG A 342 -29.84 -15.38 -13.70
N LEU A 343 -29.66 -15.78 -12.46
CA LEU A 343 -30.78 -15.83 -11.55
C LEU A 343 -31.33 -14.42 -11.33
N LEU A 344 -30.43 -13.45 -11.19
CA LEU A 344 -30.88 -12.07 -11.04
C LEU A 344 -31.72 -11.64 -12.24
N SER A 345 -31.26 -11.93 -13.46
CA SER A 345 -32.02 -11.62 -14.67
C SER A 345 -33.37 -12.33 -14.67
N ALA A 346 -33.34 -13.60 -14.28
CA ALA A 346 -34.53 -14.42 -14.18
C ALA A 346 -35.58 -13.77 -13.29
N ARG A 348 -36.07 -11.15 -12.58
CA ARG A 348 -36.38 -9.82 -13.04
C ARG A 348 -36.35 -9.74 -14.56
N SER B 22 10.77 33.30 -9.64
CA SER B 22 10.43 33.75 -8.28
C SER B 22 9.21 34.67 -8.22
N GLN B 24 5.43 36.38 -6.15
CA GLN B 24 4.70 36.83 -4.99
C GLN B 24 3.40 36.04 -4.92
N ILE B 25 3.14 35.45 -3.76
CA ILE B 25 2.00 34.59 -3.57
C ILE B 25 1.30 35.07 -2.31
N GLY B 26 0.00 35.32 -2.41
CA GLY B 26 -0.78 35.58 -1.22
C GLY B 26 -1.36 34.27 -0.76
N ILE B 28 -4.23 32.71 1.97
CA ILE B 28 -5.27 32.93 2.96
C ILE B 28 -5.60 31.63 3.62
N GLY B 29 -5.66 31.63 4.95
CA GLY B 29 -5.88 30.40 5.71
C GLY B 29 -4.55 29.93 6.26
N LEU B 30 -4.33 30.20 7.55
CA LEU B 30 -3.00 30.07 8.13
C LEU B 30 -2.99 29.00 9.21
N GLY B 31 -3.76 27.95 8.97
CA GLY B 31 -3.65 26.73 9.76
C GLY B 31 -2.36 26.00 9.40
N ARG B 32 -2.20 24.81 9.96
CA ARG B 32 -0.96 24.07 9.81
C ARG B 32 -0.53 23.96 8.35
N GLY B 34 -1.57 25.71 5.55
CA GLY B 34 -1.30 26.99 4.92
C GLY B 34 0.02 27.60 5.36
N ALA B 35 0.25 27.58 6.68
CA ALA B 35 1.51 28.07 7.25
C ALA B 35 2.73 27.31 6.68
N ASP B 36 2.60 25.99 6.56
CA ASP B 36 3.69 25.13 6.07
C ASP B 36 4.04 25.35 4.62
N VAL B 38 3.55 28.19 3.06
CA VAL B 38 4.19 29.51 3.03
C VAL B 38 5.65 29.34 3.45
N ARG B 39 5.90 28.56 4.50
CA ARG B 39 7.27 28.35 4.96
C ARG B 39 8.08 27.70 3.86
N ARG B 40 7.49 26.73 3.18
CA ARG B 40 8.18 26.05 2.09
C ARG B 40 8.38 27.01 0.92
N LEU B 41 7.32 27.73 0.57
CA LEU B 41 7.34 28.73 -0.50
C LEU B 41 8.46 29.76 -0.24
N ARG B 42 8.46 30.36 0.95
CA ARG B 42 9.48 31.34 1.33
C ARG B 42 10.88 30.73 1.21
N LYS B 43 11.07 29.62 1.92
CA LYS B 43 12.33 28.90 1.97
C LYS B 43 12.81 28.52 0.57
N GLY B 44 11.91 28.53 -0.39
CA GLY B 44 12.27 28.17 -1.76
C GLY B 44 12.42 29.40 -2.66
N GLY B 45 12.28 30.59 -2.06
CA GLY B 45 12.62 31.83 -2.74
C GLY B 45 11.48 32.69 -3.25
N HIS B 46 10.27 32.46 -2.79
CA HIS B 46 9.11 33.20 -3.23
C HIS B 46 8.71 34.24 -2.18
N GLU B 47 7.90 35.22 -2.58
CA GLU B 47 7.46 36.28 -1.68
C GLU B 47 6.02 36.10 -1.25
N CYS B 48 5.80 35.83 0.02
CA CYS B 48 4.46 35.54 0.49
C CYS B 48 3.87 36.67 1.31
N VAL B 49 2.57 36.89 1.12
CA VAL B 49 1.82 37.80 1.97
C VAL B 49 0.70 36.92 2.46
N VAL B 50 0.44 36.94 3.76
CA VAL B 50 -0.56 36.04 4.32
C VAL B 50 -1.68 36.78 5.02
N TYR B 51 -2.77 36.05 5.26
CA TYR B 51 -3.93 36.64 5.90
C TYR B 51 -4.85 35.56 6.47
N ASP B 52 -5.47 35.86 7.60
CA ASP B 52 -6.41 34.94 8.21
C ASP B 52 -7.41 35.71 9.08
N LEU B 53 -8.68 35.32 9.01
CA LEU B 53 -9.72 35.93 9.83
C LEU B 53 -9.30 35.95 11.30
N ASN B 54 -8.45 35.00 11.68
CA ASN B 54 -7.92 34.90 13.04
C ASN B 54 -6.55 35.59 13.19
N VAL B 55 -6.56 36.73 13.87
CA VAL B 55 -5.38 37.59 13.94
C VAL B 55 -4.20 36.93 14.64
N ASN B 56 -4.50 36.14 15.69
CA ASN B 56 -3.46 35.41 16.41
C ASN B 56 -2.62 34.60 15.42
N ALA B 57 -3.29 34.01 14.43
CA ALA B 57 -2.63 33.19 13.41
C ALA B 57 -1.70 34.00 12.49
N VAL B 58 -2.18 35.14 12.01
CA VAL B 58 -1.36 36.02 11.18
C VAL B 58 -0.13 36.47 11.95
N GLN B 59 -0.36 36.91 13.19
CA GLN B 59 0.73 37.41 14.02
C GLN B 59 1.82 36.36 14.18
N ALA B 60 1.41 35.12 14.47
CA ALA B 60 2.36 34.03 14.60
C ALA B 60 3.25 33.90 13.35
N LEU B 61 2.69 34.09 12.16
CA LEU B 61 3.51 34.05 10.95
C LEU B 61 4.34 35.33 10.79
N GLU B 62 3.77 36.43 11.26
CA GLU B 62 4.49 37.72 11.28
C GLU B 62 5.73 37.64 12.16
N ARG B 63 5.59 37.00 13.33
CA ARG B 63 6.75 36.72 14.18
C ARG B 63 7.82 35.93 13.42
N GLU B 64 7.40 34.99 12.58
CA GLU B 64 8.35 34.30 11.71
C GLU B 64 8.94 35.23 10.64
N GLY B 65 8.48 36.48 10.61
CA GLY B 65 8.97 37.43 9.63
C GLY B 65 8.40 37.21 8.24
N ILE B 66 7.11 36.87 8.17
CA ILE B 66 6.39 36.85 6.89
C ILE B 66 5.37 37.99 6.82
N ALA B 67 5.29 38.67 5.67
CA ALA B 67 4.39 39.81 5.53
C ALA B 67 2.95 39.42 5.83
N GLY B 68 2.28 40.23 6.64
CA GLY B 68 0.90 39.97 7.00
C GLY B 68 -0.04 41.00 6.41
N ALA B 69 -1.29 40.95 6.86
CA ALA B 69 -2.32 41.85 6.41
C ALA B 69 -3.44 41.73 7.43
N ARG B 70 -4.06 42.86 7.78
CA ARG B 70 -5.11 42.83 8.80
C ARG B 70 -6.52 42.89 8.23
N SER B 71 -6.62 42.83 6.91
CA SER B 71 -7.94 42.82 6.31
C SER B 71 -7.81 42.28 4.90
N ILE B 72 -8.91 41.78 4.36
CA ILE B 72 -8.88 41.39 2.96
C ILE B 72 -8.37 42.56 2.09
N GLU B 73 -8.75 43.79 2.47
CA GLU B 73 -8.39 44.97 1.69
C GLU B 73 -6.89 45.21 1.60
N GLU B 74 -6.22 45.28 2.75
CA GLU B 74 -4.77 45.41 2.76
C GLU B 74 -4.09 44.24 2.05
N PHE B 75 -4.65 43.05 2.23
CA PHE B 75 -4.14 41.87 1.56
C PHE B 75 -4.12 42.09 0.05
N CYS B 76 -5.26 42.38 -0.55
CA CYS B 76 -5.29 42.58 -2.00
C CYS B 76 -4.44 43.77 -2.43
N ALA B 77 -4.47 44.80 -1.60
CA ALA B 77 -3.67 46.00 -1.83
C ALA B 77 -2.18 45.66 -1.96
N LYS B 78 -1.72 44.73 -1.12
CA LYS B 78 -0.30 44.40 -1.03
C LYS B 78 0.16 43.47 -2.15
N LEU B 79 -0.78 42.85 -2.84
CA LEU B 79 -0.44 41.93 -3.92
C LEU B 79 -0.46 42.63 -5.28
N VAL B 80 0.70 42.69 -5.91
CA VAL B 80 0.89 43.31 -7.22
C VAL B 80 0.19 42.51 -8.33
N LYS B 81 -0.50 43.20 -9.24
CA LYS B 81 -1.24 42.52 -10.31
C LYS B 81 -0.32 42.11 -11.46
N PRO B 82 -0.60 40.97 -12.12
CA PRO B 82 -1.66 39.99 -11.84
C PRO B 82 -1.35 39.24 -10.55
N ARG B 83 -2.36 39.03 -9.72
CA ARG B 83 -2.13 38.42 -8.42
C ARG B 83 -2.16 36.90 -8.51
N VAL B 84 -1.47 36.26 -7.57
CA VAL B 84 -1.62 34.82 -7.33
C VAL B 84 -2.10 34.59 -5.89
N VAL B 85 -3.35 34.16 -5.74
CA VAL B 85 -3.94 33.97 -4.41
C VAL B 85 -4.26 32.51 -4.09
N TRP B 86 -3.63 31.96 -3.05
CA TRP B 86 -3.85 30.58 -2.64
C TRP B 86 -4.78 30.50 -1.41
N LEU B 87 -5.83 29.68 -1.50
CA LEU B 87 -6.73 29.47 -0.37
C LEU B 87 -6.46 28.12 0.29
N VAL B 89 -8.45 27.41 3.26
CA VAL B 89 -9.51 27.54 4.25
C VAL B 89 -10.42 26.30 4.25
N PRO B 90 -11.26 26.16 5.29
CA PRO B 90 -12.30 25.12 5.26
C PRO B 90 -13.15 25.20 4.01
N ALA B 91 -13.61 24.04 3.55
CA ALA B 91 -14.41 23.96 2.34
C ALA B 91 -15.63 24.85 2.43
N ALA B 92 -16.14 24.96 3.66
CA ALA B 92 -17.42 25.62 3.94
C ALA B 92 -17.30 27.14 3.94
N VAL B 93 -16.08 27.63 3.94
CA VAL B 93 -15.77 29.04 4.07
C VAL B 93 -15.41 29.63 2.69
N VAL B 94 -15.16 28.75 1.73
CA VAL B 94 -14.64 29.13 0.42
C VAL B 94 -15.52 30.13 -0.32
N ASP B 95 -16.79 29.79 -0.53
CA ASP B 95 -17.65 30.62 -1.33
C ASP B 95 -17.74 32.04 -0.75
N SER B 96 -17.75 32.14 0.57
CA SER B 96 -17.91 33.44 1.20
C SER B 96 -16.57 34.19 1.21
N LEU B 98 -14.76 34.04 -1.45
CA LEU B 98 -14.75 34.52 -2.83
C LEU B 98 -15.68 35.72 -3.00
N GLN B 99 -16.84 35.68 -2.35
CA GLN B 99 -17.78 36.80 -2.36
C GLN B 99 -17.12 38.06 -1.82
N ARG B 100 -16.41 37.90 -0.71
CA ARG B 100 -15.74 38.98 -0.01
C ARG B 100 -14.53 39.58 -0.75
N THR B 102 -13.37 38.94 -4.17
CA THR B 102 -13.45 39.12 -5.62
C THR B 102 -13.65 40.58 -6.11
N PRO B 103 -14.46 41.38 -5.40
CA PRO B 103 -14.62 42.81 -5.74
C PRO B 103 -13.32 43.61 -5.67
N LEU B 104 -12.31 43.13 -4.94
CA LEU B 104 -11.01 43.77 -4.91
C LEU B 104 -10.03 43.19 -5.91
N LEU B 105 -10.40 42.08 -6.55
CA LEU B 105 -9.48 41.43 -7.48
C LEU B 105 -9.65 41.99 -8.89
N ALA B 106 -8.81 41.55 -9.82
CA ALA B 106 -8.81 42.14 -11.14
C ALA B 106 -8.62 41.06 -12.20
N ALA B 107 -9.12 41.33 -13.40
CA ALA B 107 -8.90 40.45 -14.53
C ALA B 107 -7.41 40.02 -14.66
N ASN B 108 -7.20 38.76 -15.01
CA ASN B 108 -5.86 38.17 -15.11
C ASN B 108 -5.26 37.75 -13.77
N ASP B 109 -5.93 38.07 -12.66
CA ASP B 109 -5.58 37.44 -11.41
C ASP B 109 -5.90 35.93 -11.45
N ILE B 110 -5.19 35.17 -10.63
CA ILE B 110 -5.39 33.74 -10.45
C ILE B 110 -5.69 33.44 -8.98
N VAL B 111 -6.74 32.66 -8.74
CA VAL B 111 -7.11 32.20 -7.41
C VAL B 111 -7.00 30.68 -7.35
N ILE B 112 -6.30 30.17 -6.36
CA ILE B 112 -6.12 28.74 -6.22
C ILE B 112 -6.85 28.25 -4.97
N ASP B 113 -7.70 27.24 -5.12
CA ASP B 113 -8.29 26.56 -3.96
C ASP B 113 -7.56 25.23 -3.75
N GLY B 114 -6.78 25.17 -2.69
CA GLY B 114 -5.94 24.03 -2.42
C GLY B 114 -6.50 23.16 -1.31
N GLY B 115 -7.68 23.51 -0.82
CA GLY B 115 -8.28 22.76 0.27
C GLY B 115 -9.07 21.58 -0.24
N ASN B 116 -9.91 21.03 0.64
CA ASN B 116 -10.74 19.88 0.34
C ASN B 116 -12.14 20.25 -0.15
N SER B 117 -12.21 20.89 -1.31
CA SER B 117 -13.48 21.23 -1.91
C SER B 117 -13.91 20.07 -2.79
N HIS B 118 -15.22 19.90 -2.97
CA HIS B 118 -15.73 18.92 -3.90
C HIS B 118 -15.66 19.48 -5.34
N TYR B 119 -15.16 18.67 -6.26
CA TYR B 119 -14.89 19.17 -7.61
C TYR B 119 -16.09 19.81 -8.31
N GLN B 120 -17.32 19.36 -8.03
CA GLN B 120 -18.47 20.00 -8.65
C GLN B 120 -18.59 21.50 -8.27
N ASP B 121 -18.13 21.83 -7.07
CA ASP B 121 -18.06 23.21 -6.65
C ASP B 121 -16.95 24.00 -7.38
N ASP B 122 -15.83 23.36 -7.72
CA ASP B 122 -14.79 24.03 -8.51
C ASP B 122 -15.32 24.39 -9.89
N ILE B 123 -16.08 23.48 -10.47
CA ILE B 123 -16.68 23.74 -11.77
C ILE B 123 -17.57 25.01 -11.76
N ARG B 124 -18.42 25.13 -10.75
CA ARG B 124 -19.29 26.29 -10.65
C ARG B 124 -18.46 27.54 -10.35
N ARG B 125 -17.60 27.44 -9.34
CA ARG B 125 -16.77 28.57 -8.95
C ARG B 125 -15.89 29.06 -10.10
N ALA B 126 -15.35 28.14 -10.89
CA ALA B 126 -14.44 28.55 -11.96
C ALA B 126 -15.19 29.39 -12.97
N ASP B 127 -16.46 29.05 -13.18
CA ASP B 127 -17.32 29.75 -14.13
C ASP B 127 -17.68 31.15 -13.66
N GLN B 128 -17.99 31.26 -12.39
CA GLN B 128 -18.28 32.56 -11.83
C GLN B 128 -17.09 33.50 -11.98
N ARG B 130 -14.52 33.35 -13.96
CA ARG B 130 -14.07 33.61 -15.31
C ARG B 130 -14.85 34.78 -15.89
N ALA B 131 -16.11 34.88 -15.50
CA ALA B 131 -16.96 35.99 -15.89
C ALA B 131 -16.37 37.33 -15.44
N GLN B 132 -15.37 37.29 -14.56
CA GLN B 132 -14.72 38.53 -14.13
C GLN B 132 -13.26 38.54 -14.53
N GLY B 133 -12.92 37.70 -15.51
CA GLY B 133 -11.58 37.66 -16.06
C GLY B 133 -10.57 37.04 -15.12
N ILE B 134 -11.06 36.34 -14.10
CA ILE B 134 -10.18 35.71 -13.10
C ILE B 134 -10.08 34.18 -13.29
N THR B 135 -8.87 33.66 -13.30
CA THR B 135 -8.68 32.25 -13.54
C THR B 135 -8.67 31.45 -12.24
N TYR B 136 -9.62 30.53 -12.14
CA TYR B 136 -9.77 29.74 -10.91
C TYR B 136 -9.14 28.34 -11.02
N VAL B 137 -8.16 28.06 -10.16
CA VAL B 137 -7.38 26.83 -10.20
C VAL B 137 -7.60 25.94 -8.96
N ASP B 138 -7.96 24.67 -9.18
CA ASP B 138 -8.13 23.73 -8.07
C ASP B 138 -6.90 22.87 -7.87
N VAL B 139 -6.44 22.79 -6.63
CA VAL B 139 -5.30 21.96 -6.31
C VAL B 139 -5.67 21.00 -5.18
N GLY B 140 -5.63 19.71 -5.48
CA GLY B 140 -5.71 18.71 -4.44
C GLY B 140 -4.29 18.46 -3.97
N THR B 141 -4.05 18.65 -2.68
CA THR B 141 -2.71 18.46 -2.17
C THR B 141 -2.69 17.27 -1.22
N SER B 142 -1.66 16.45 -1.37
CA SER B 142 -1.50 15.32 -0.49
C SER B 142 -0.14 15.44 0.18
N GLY B 143 0.02 14.79 1.33
CA GLY B 143 1.31 14.75 1.98
C GLY B 143 1.30 15.34 3.37
N GLY B 144 0.30 16.17 3.66
CA GLY B 144 0.06 16.66 5.01
C GLY B 144 1.25 17.33 5.68
N ILE B 145 1.53 16.93 6.91
CA ILE B 145 2.54 17.59 7.73
C ILE B 145 3.93 17.33 7.18
N PHE B 146 4.06 16.30 6.36
CA PHE B 146 5.34 15.87 5.79
C PHE B 146 5.75 16.70 4.59
N GLY B 147 4.80 17.48 4.07
CA GLY B 147 5.02 18.26 2.84
C GLY B 147 6.05 19.37 2.98
N LEU B 148 6.14 19.95 4.19
CA LEU B 148 7.07 21.05 4.44
C LEU B 148 8.49 20.67 4.08
N GLU B 149 8.98 19.59 4.69
CA GLU B 149 10.31 19.09 4.39
C GLU B 149 10.36 18.24 3.11
N ARG B 150 9.31 17.48 2.82
CA ARG B 150 9.39 16.53 1.71
C ARG B 150 8.68 16.93 0.41
N GLY B 151 7.94 18.03 0.43
CA GLY B 151 7.18 18.38 -0.77
C GLY B 151 5.81 17.71 -0.77
N TYR B 152 4.85 18.37 -1.41
CA TYR B 152 3.47 17.93 -1.45
C TYR B 152 3.22 17.36 -2.82
N CYS B 153 2.47 16.27 -2.88
CA CYS B 153 1.97 15.80 -4.17
C CYS B 153 0.78 16.69 -4.55
N LEU B 154 0.80 17.22 -5.77
CA LEU B 154 -0.17 18.23 -6.21
C LEU B 154 -0.93 17.80 -7.46
N ILE B 156 -3.71 19.10 -10.06
CA ILE B 156 -4.09 20.45 -10.48
C ILE B 156 -5.11 20.44 -11.61
N GLY B 157 -6.22 21.16 -11.41
CA GLY B 157 -7.20 21.35 -12.46
C GLY B 157 -7.40 22.83 -12.82
N GLY B 158 -7.75 23.10 -14.08
CA GLY B 158 -8.02 24.46 -14.51
C GLY B 158 -7.39 24.79 -15.85
N GLU B 159 -7.45 26.06 -16.26
CA GLU B 159 -6.97 26.44 -17.58
C GLU B 159 -5.46 26.26 -17.76
N LYS B 160 -5.06 25.79 -18.93
CA LYS B 160 -3.64 25.57 -19.18
C LYS B 160 -2.78 26.82 -18.92
N GLN B 161 -3.16 27.96 -19.50
CA GLN B 161 -2.39 29.19 -19.34
C GLN B 161 -2.07 29.52 -17.88
N ALA B 162 -3.04 29.37 -17.00
CA ALA B 162 -2.86 29.74 -15.60
C ALA B 162 -1.95 28.76 -14.91
N VAL B 163 -2.10 27.49 -15.26
CA VAL B 163 -1.29 26.45 -14.65
C VAL B 163 0.17 26.55 -15.05
N GLU B 164 0.40 26.93 -16.30
CA GLU B 164 1.77 27.22 -16.76
C GLU B 164 2.36 28.44 -16.06
N ARG B 165 1.58 29.50 -15.93
CA ARG B 165 2.01 30.65 -15.17
C ARG B 165 2.39 30.24 -13.75
N LEU B 166 1.71 29.23 -13.22
CA LEU B 166 1.93 28.84 -11.83
C LEU B 166 3.10 27.85 -11.65
N ASP B 167 3.70 27.42 -12.75
CA ASP B 167 4.73 26.37 -12.69
C ASP B 167 5.81 26.54 -11.61
N PRO B 168 6.36 27.76 -11.42
CA PRO B 168 7.40 27.93 -10.40
C PRO B 168 6.91 27.68 -8.97
N VAL B 169 5.64 27.99 -8.73
CA VAL B 169 5.06 27.76 -7.41
C VAL B 169 4.89 26.26 -7.16
N PHE B 170 4.48 25.52 -8.19
CA PHE B 170 4.29 24.08 -8.05
C PHE B 170 5.62 23.35 -7.87
N ARG B 171 6.60 23.71 -8.71
CA ARG B 171 7.94 23.15 -8.58
C ARG B 171 8.49 23.26 -7.17
N THR B 172 8.37 24.44 -6.58
CA THR B 172 8.85 24.66 -5.22
C THR B 172 8.10 23.78 -4.23
N LEU B 173 6.78 23.71 -4.40
CA LEU B 173 5.91 23.01 -3.48
C LEU B 173 6.06 21.48 -3.55
N ALA B 174 6.31 20.97 -4.76
CA ALA B 174 6.39 19.54 -5.03
C ALA B 174 7.74 18.94 -4.58
N PRO B 175 7.80 17.61 -4.45
CA PRO B 175 9.00 16.93 -3.92
C PRO B 175 10.20 16.99 -4.86
N GLY B 176 9.98 17.03 -6.16
CA GLY B 176 11.06 16.91 -7.11
C GLY B 176 11.39 15.46 -7.42
N ILE B 177 11.90 15.23 -8.63
CA ILE B 177 12.16 13.89 -9.12
C ILE B 177 12.97 13.04 -8.14
N GLY B 178 13.86 13.67 -7.37
CA GLY B 178 14.76 12.94 -6.49
C GLY B 178 14.11 12.09 -5.41
N ALA B 179 12.85 12.39 -5.13
CA ALA B 179 12.10 11.77 -4.03
C ALA B 179 11.81 10.27 -4.24
N ALA B 180 11.93 9.77 -5.46
CA ALA B 180 11.76 8.35 -5.73
C ALA B 180 12.48 7.93 -7.02
N PRO B 181 12.98 6.69 -7.08
CA PRO B 181 13.66 6.23 -8.30
C PRO B 181 12.76 6.27 -9.54
N ARG B 182 13.34 6.53 -10.71
CA ARG B 182 12.55 6.67 -11.92
C ARG B 182 11.96 5.35 -12.45
N THR B 183 10.73 5.47 -12.94
CA THR B 183 10.00 4.39 -13.58
C THR B 183 10.65 4.06 -14.92
N PRO B 184 11.10 2.81 -15.07
CA PRO B 184 11.73 2.35 -16.31
C PRO B 184 10.90 2.73 -17.54
N GLY B 185 11.41 3.66 -18.33
CA GLY B 185 10.69 4.12 -19.51
C GLY B 185 10.25 5.57 -19.50
N ARG B 186 10.41 6.27 -18.37
CA ARG B 186 9.90 7.65 -18.27
C ARG B 186 10.64 8.63 -19.18
N GLU B 187 11.88 8.30 -19.54
CA GLU B 187 12.66 9.15 -20.45
C GLU B 187 11.94 9.25 -21.78
N LYS B 188 10.97 8.36 -21.98
CA LYS B 188 10.14 8.30 -23.18
C LYS B 188 9.00 9.32 -23.10
N ARG B 189 8.89 10.00 -21.96
CA ARG B 189 7.76 10.90 -21.73
C ARG B 189 8.19 12.19 -21.04
N GLU B 190 7.42 13.24 -21.30
CA GLU B 190 7.67 14.52 -20.66
C GLU B 190 6.48 14.94 -19.80
N GLY B 191 6.34 16.23 -19.57
CA GLY B 191 5.39 16.70 -18.60
C GLY B 191 6.04 16.67 -17.24
N THR B 192 5.27 16.98 -16.20
CA THR B 192 5.78 17.18 -14.85
C THR B 192 5.53 16.02 -13.88
N ALA B 193 4.86 14.97 -14.32
CA ALA B 193 4.44 13.92 -13.39
C ALA B 193 5.56 13.44 -12.47
N GLU B 194 6.78 13.36 -12.99
CA GLU B 194 7.93 12.82 -12.24
C GLU B 194 8.38 13.71 -11.11
N LEU B 195 7.89 14.94 -11.10
CA LEU B 195 8.30 15.93 -10.11
C LEU B 195 7.39 15.90 -8.88
N GLY B 196 6.25 15.22 -9.02
CA GLY B 196 5.26 15.17 -7.96
C GLY B 196 4.17 16.24 -8.05
N TYR B 197 3.98 16.82 -9.22
CA TYR B 197 2.79 17.61 -9.49
C TYR B 197 2.31 17.37 -10.90
N LEU B 198 1.01 17.58 -11.13
CA LEU B 198 0.40 17.15 -12.37
C LEU B 198 -0.80 17.98 -12.67
N HIS B 199 -0.86 18.53 -13.87
CA HIS B 199 -2.04 19.21 -14.36
C HIS B 199 -2.97 18.11 -14.87
N CYS B 200 -4.03 17.86 -14.13
CA CYS B 200 -4.85 16.67 -14.38
C CYS B 200 -5.92 16.86 -15.43
N GLY B 201 -6.31 18.12 -15.68
CA GLY B 201 -7.42 18.39 -16.58
C GLY B 201 -8.02 19.76 -16.33
N PRO B 202 -9.18 20.03 -16.93
CA PRO B 202 -9.79 21.35 -16.75
C PRO B 202 -10.36 21.50 -15.35
N SER B 203 -11.08 22.57 -15.10
CA SER B 203 -11.54 22.87 -13.76
C SER B 203 -12.20 21.66 -13.04
N GLY B 204 -11.77 21.41 -11.79
CA GLY B 204 -12.31 20.32 -10.98
C GLY B 204 -11.47 19.06 -11.01
N ALA B 205 -10.61 18.93 -12.01
CA ALA B 205 -9.90 17.67 -12.27
C ALA B 205 -8.88 17.36 -11.16
N GLY B 206 -8.26 18.40 -10.62
CA GLY B 206 -7.30 18.23 -9.54
C GLY B 206 -8.00 17.68 -8.29
N HIS B 207 -9.13 18.28 -7.91
CA HIS B 207 -9.88 17.82 -6.75
C HIS B 207 -10.55 16.48 -7.04
N PHE B 208 -10.91 16.22 -8.29
CA PHE B 208 -11.48 14.92 -8.65
C PHE B 208 -10.45 13.82 -8.40
N VAL B 209 -9.24 14.03 -8.87
CA VAL B 209 -8.19 13.04 -8.68
C VAL B 209 -7.76 12.93 -7.22
N LYS B 210 -7.73 14.04 -6.49
CA LYS B 210 -7.34 13.98 -5.08
C LYS B 210 -8.37 13.19 -4.26
N VAL B 212 -10.20 10.64 -5.24
CA VAL B 212 -10.07 9.21 -5.49
C VAL B 212 -8.80 8.68 -4.79
N HIS B 213 -7.73 9.48 -4.83
CA HIS B 213 -6.55 9.24 -4.02
C HIS B 213 -6.91 8.94 -2.57
N ASN B 214 -7.82 9.74 -2.01
CA ASN B 214 -8.26 9.53 -0.63
C ASN B 214 -9.11 8.26 -0.48
N GLY B 215 -9.91 7.96 -1.51
CA GLY B 215 -10.74 6.77 -1.49
C GLY B 215 -9.82 5.55 -1.50
N ILE B 216 -8.82 5.58 -2.36
CA ILE B 216 -7.82 4.52 -2.42
C ILE B 216 -7.12 4.37 -1.07
N GLU B 217 -6.75 5.51 -0.50
CA GLU B 217 -6.10 5.54 0.80
C GLU B 217 -6.93 4.84 1.86
N TYR B 218 -8.24 4.99 1.82
CA TYR B 218 -9.13 4.33 2.76
C TYR B 218 -9.06 2.80 2.57
N GLY B 219 -9.16 2.37 1.31
CA GLY B 219 -9.06 0.98 0.94
C GLY B 219 -7.74 0.36 1.39
N LEU B 220 -6.63 1.09 1.20
CA LEU B 220 -5.30 0.59 1.58
C LEU B 220 -5.18 0.43 3.08
N ALA B 222 -7.66 0.10 5.27
CA ALA B 222 -8.54 -1.02 5.62
C ALA B 222 -7.92 -2.40 5.33
N ALA B 223 -7.17 -2.55 4.24
CA ALA B 223 -6.53 -3.84 3.96
C ALA B 223 -5.49 -4.18 5.03
N TYR B 224 -4.64 -3.22 5.37
CA TYR B 224 -3.64 -3.45 6.40
C TYR B 224 -4.29 -3.74 7.75
N ALA B 225 -5.27 -2.92 8.09
CA ALA B 225 -5.93 -2.98 9.38
C ALA B 225 -6.62 -4.34 9.56
N GLU B 226 -7.36 -4.78 8.56
CA GLU B 226 -8.10 -6.05 8.62
C GLU B 226 -7.11 -7.22 8.76
N GLY B 227 -6.02 -7.16 8.00
CA GLY B 227 -5.03 -8.23 8.01
C GLY B 227 -4.31 -8.28 9.35
N LEU B 228 -3.87 -7.13 9.83
CA LEU B 228 -3.28 -7.04 11.16
C LEU B 228 -4.26 -7.51 12.23
N ASN B 229 -5.56 -7.28 12.02
CA ASN B 229 -6.56 -7.73 12.99
C ASN B 229 -6.66 -9.27 13.02
N ILE B 230 -6.53 -9.89 11.85
CA ILE B 230 -6.45 -11.35 11.75
C ILE B 230 -5.22 -11.90 12.52
N LEU B 231 -4.06 -11.29 12.31
CA LEU B 231 -2.85 -11.66 13.05
C LEU B 231 -3.04 -11.45 14.55
N HIS B 232 -3.73 -10.39 14.92
CA HIS B 232 -3.97 -10.01 16.31
C HIS B 232 -4.84 -11.05 17.02
N HIS B 233 -5.66 -11.75 16.25
CA HIS B 233 -6.59 -12.73 16.78
C HIS B 233 -6.10 -14.17 16.55
N ALA B 234 -4.82 -14.32 16.16
CA ALA B 234 -4.28 -15.62 15.82
C ALA B 234 -4.09 -16.46 17.10
N ASN B 235 -4.34 -15.85 18.25
CA ASN B 235 -4.32 -16.57 19.52
C ASN B 235 -5.73 -16.84 20.07
N ALA B 236 -6.74 -16.78 19.20
CA ALA B 236 -8.13 -17.02 19.61
C ALA B 236 -8.37 -18.38 20.30
N GLY B 237 -7.50 -19.37 20.06
CA GLY B 237 -7.68 -20.73 20.58
C GLY B 237 -7.25 -21.01 22.04
N PRO B 249 -18.18 -22.88 19.04
CA PRO B 249 -17.30 -22.61 17.91
C PRO B 249 -15.80 -22.90 18.16
N LEU B 250 -15.00 -22.73 17.13
CA LEU B 250 -13.57 -23.03 17.10
C LEU B 250 -13.27 -24.51 17.15
N ARG B 251 -13.07 -25.08 15.98
CA ARG B 251 -13.02 -26.49 15.76
C ARG B 251 -11.73 -27.07 16.25
N ASN B 252 -10.65 -26.37 15.97
CA ASN B 252 -9.36 -26.80 16.41
C ASN B 252 -8.66 -25.64 17.08
N PRO B 253 -8.87 -25.46 18.36
CA PRO B 253 -8.21 -24.36 19.08
C PRO B 253 -6.68 -24.37 18.93
N ASP B 254 -6.05 -25.54 18.82
CA ASP B 254 -4.59 -25.65 18.60
C ASP B 254 -4.09 -24.95 17.34
N PHE B 255 -4.99 -24.72 16.37
CA PHE B 255 -4.61 -24.01 15.16
C PHE B 255 -4.62 -22.46 15.33
N TYR B 256 -5.00 -22.01 16.52
CA TYR B 256 -5.01 -20.58 16.79
C TYR B 256 -4.40 -20.25 18.15
N ARG B 257 -3.12 -20.53 18.32
CA ARG B 257 -2.45 -20.23 19.57
C ARG B 257 -1.16 -19.47 19.31
N TYR B 258 -1.16 -18.67 18.26
CA TYR B 258 0.01 -17.85 17.96
C TYR B 258 -0.13 -16.51 18.67
N ASP B 259 0.86 -16.15 19.49
CA ASP B 259 1.00 -14.80 20.01
C ASP B 259 1.98 -14.06 19.11
N LEU B 260 1.47 -13.31 18.14
CA LEU B 260 2.32 -12.74 17.12
C LEU B 260 2.72 -11.33 17.51
N ASP B 261 3.93 -10.96 17.12
CA ASP B 261 4.45 -9.63 17.40
C ASP B 261 4.18 -8.71 16.20
N LEU B 262 3.08 -7.97 16.26
CA LEU B 262 2.65 -7.13 15.15
C LEU B 262 3.64 -6.01 14.83
N ALA B 263 4.33 -5.51 15.86
CA ALA B 263 5.34 -4.49 15.59
C ALA B 263 6.43 -5.09 14.72
N ASP B 264 6.96 -6.25 15.11
CA ASP B 264 8.02 -6.89 14.34
C ASP B 264 7.58 -7.27 12.93
N ILE B 265 6.36 -7.79 12.82
CA ILE B 265 5.88 -8.26 11.53
C ILE B 265 5.74 -7.12 10.50
N THR B 266 5.12 -6.01 10.90
CA THR B 266 5.07 -4.85 10.02
C THR B 266 6.47 -4.36 9.69
N GLU B 267 7.37 -4.35 10.68
CA GLU B 267 8.76 -3.95 10.39
C GLU B 267 9.36 -4.85 9.31
N VAL B 268 9.26 -6.18 9.48
CA VAL B 268 9.85 -7.12 8.52
C VAL B 268 9.28 -7.01 7.10
N TRP B 269 7.99 -6.67 7.00
CA TRP B 269 7.38 -6.44 5.70
C TRP B 269 7.92 -5.21 4.92
N ARG B 270 8.59 -4.29 5.60
CA ARG B 270 9.13 -3.09 4.93
C ARG B 270 10.27 -3.41 3.97
N ARG B 271 10.89 -4.59 4.14
CA ARG B 271 12.00 -4.99 3.26
C ARG B 271 11.78 -6.32 2.56
N GLY B 272 11.69 -6.26 1.24
CA GLY B 272 11.52 -7.46 0.45
C GLY B 272 10.12 -8.01 0.22
N SER B 273 9.08 -7.41 0.83
CA SER B 273 7.74 -7.96 0.62
C SER B 273 6.99 -7.20 -0.47
N VAL B 274 5.85 -7.73 -0.88
CA VAL B 274 5.10 -7.13 -1.97
C VAL B 274 4.34 -5.89 -1.44
N ILE B 275 4.19 -5.81 -0.12
CA ILE B 275 3.28 -4.83 0.43
C ILE B 275 3.96 -3.68 1.19
N SER B 276 5.21 -3.37 0.86
CA SER B 276 5.82 -2.23 1.52
C SER B 276 5.18 -1.00 0.91
N SER B 277 5.03 0.03 1.72
CA SER B 277 4.38 1.26 1.30
C SER B 277 4.54 2.26 2.43
N TRP B 278 4.14 3.49 2.15
CA TRP B 278 4.23 4.55 3.13
C TRP B 278 3.31 4.24 4.29
N LEU B 279 2.09 3.81 3.97
CA LEU B 279 1.15 3.41 5.01
C LEU B 279 1.67 2.29 5.94
N LEU B 280 2.45 1.36 5.39
CA LEU B 280 3.07 0.30 6.21
C LEU B 280 4.10 0.92 7.14
N ASP B 281 4.93 1.78 6.58
CA ASP B 281 5.95 2.50 7.36
C ASP B 281 5.31 3.17 8.55
N LEU B 282 4.12 3.73 8.34
CA LEU B 282 3.39 4.42 9.41
C LEU B 282 2.81 3.44 10.42
N SER B 283 2.26 2.33 9.92
CA SER B 283 1.73 1.29 10.79
C SER B 283 2.83 0.75 11.68
N ALA B 284 4.01 0.53 11.10
CA ALA B 284 5.15 0.03 11.86
C ALA B 284 5.54 1.02 12.97
N THR B 285 5.48 2.32 12.64
CA THR B 285 5.88 3.34 13.60
C THR B 285 4.89 3.42 14.74
N ALA B 286 3.60 3.39 14.40
CA ALA B 286 2.56 3.38 15.42
C ALA B 286 2.63 2.14 16.31
N LEU B 287 2.88 0.98 15.72
CA LEU B 287 2.89 -0.26 16.52
C LEU B 287 4.14 -0.36 17.39
N LEU B 288 5.27 0.15 16.88
CA LEU B 288 6.49 0.26 17.69
C LEU B 288 6.23 1.11 18.93
N ASP B 289 5.49 2.19 18.74
CA ASP B 289 5.22 3.12 19.82
C ASP B 289 4.16 2.60 20.75
N SER B 290 3.24 1.83 20.20
CA SER B 290 2.15 1.29 20.99
C SER B 290 1.71 -0.07 20.45
N PRO B 291 2.29 -1.15 20.98
CA PRO B 291 2.02 -2.49 20.47
C PRO B 291 0.54 -2.90 20.62
N ASP B 292 -0.18 -2.33 21.58
CA ASP B 292 -1.60 -2.62 21.74
C ASP B 292 -2.51 -1.43 21.35
N LEU B 293 -1.89 -0.34 20.90
CA LEU B 293 -2.66 0.86 20.54
C LEU B 293 -3.70 1.24 21.59
N GLN B 294 -3.38 1.05 22.87
CA GLN B 294 -4.36 1.24 23.93
C GLN B 294 -4.78 2.69 24.18
N GLU B 295 -3.97 3.65 23.75
CA GLU B 295 -4.36 5.04 23.96
C GLU B 295 -5.29 5.56 22.85
N PHE B 296 -5.62 4.68 21.90
CA PHE B 296 -6.45 5.07 20.76
C PHE B 296 -7.90 4.60 20.89
N ARG B 299 -13.04 5.05 17.44
CA ARG B 299 -13.96 5.79 16.59
C ARG B 299 -13.15 6.45 15.49
N VAL B 300 -13.40 6.04 14.25
CA VAL B 300 -12.63 6.56 13.14
C VAL B 300 -13.48 7.56 12.36
N SER B 301 -12.95 8.76 12.19
CA SER B 301 -13.60 9.81 11.46
C SER B 301 -13.33 9.63 9.99
N ASP B 302 -14.08 10.36 9.17
CA ASP B 302 -13.86 10.38 7.73
C ASP B 302 -14.21 11.82 7.29
N SER B 303 -13.42 12.39 6.36
CA SER B 303 -13.55 13.82 6.06
C SER B 303 -14.34 14.21 4.83
N GLY B 304 -14.79 13.22 4.07
CA GLY B 304 -15.66 13.52 2.95
C GLY B 304 -15.20 12.91 1.65
N GLU B 305 -13.91 13.04 1.35
CA GLU B 305 -13.40 12.56 0.07
C GLU B 305 -13.69 11.07 -0.14
N GLY B 306 -13.66 10.29 0.92
CA GLY B 306 -14.04 8.89 0.84
C GLY B 306 -15.48 8.74 0.42
N ARG B 307 -16.39 9.50 1.03
CA ARG B 307 -17.78 9.44 0.59
C ARG B 307 -17.94 9.88 -0.85
N TRP B 308 -17.30 10.99 -1.23
CA TRP B 308 -17.44 11.53 -2.57
C TRP B 308 -16.96 10.53 -3.60
N THR B 309 -15.93 9.77 -3.25
CA THR B 309 -15.38 8.76 -4.15
C THR B 309 -16.39 7.68 -4.47
N VAL B 310 -17.06 7.18 -3.43
CA VAL B 310 -18.10 6.18 -3.60
C VAL B 310 -19.30 6.73 -4.41
N ALA B 311 -19.67 7.98 -4.15
CA ALA B 311 -20.70 8.65 -4.95
C ALA B 311 -20.33 8.69 -6.44
N ALA B 312 -19.07 9.00 -6.76
CA ALA B 312 -18.62 9.01 -8.16
C ALA B 312 -18.69 7.62 -8.74
N ALA B 313 -18.25 6.62 -7.97
CA ALA B 313 -18.34 5.24 -8.39
C ALA B 313 -19.77 4.85 -8.73
N ILE B 314 -20.69 5.20 -7.84
CA ILE B 314 -22.09 4.87 -8.07
C ILE B 314 -22.61 5.52 -9.36
N ASP B 315 -22.33 6.79 -9.55
CA ASP B 315 -22.79 7.49 -10.77
C ASP B 315 -22.24 6.86 -12.03
N GLU B 316 -20.98 6.44 -11.95
CA GLU B 316 -20.24 5.90 -13.08
C GLU B 316 -20.55 4.42 -13.37
N GLY B 317 -21.19 3.73 -12.42
CA GLY B 317 -21.41 2.29 -12.54
C GLY B 317 -20.15 1.48 -12.37
N VAL B 318 -19.24 1.96 -11.52
CA VAL B 318 -17.99 1.23 -11.25
C VAL B 318 -18.08 0.40 -9.96
N PRO B 319 -17.79 -0.92 -10.02
CA PRO B 319 -17.86 -1.70 -8.79
C PRO B 319 -16.84 -1.17 -7.80
N ALA B 320 -17.19 -1.06 -6.52
CA ALA B 320 -16.34 -0.38 -5.56
C ALA B 320 -16.42 -1.04 -4.19
N HIS B 321 -16.52 -2.38 -4.21
CA HIS B 321 -16.63 -3.16 -2.98
C HIS B 321 -15.63 -2.72 -1.93
N VAL B 322 -14.35 -2.67 -2.28
CA VAL B 322 -13.41 -2.44 -1.21
C VAL B 322 -13.32 -0.99 -0.73
N LEU B 323 -13.39 -0.04 -1.65
CA LEU B 323 -13.44 1.36 -1.24
C LEU B 323 -14.66 1.61 -0.36
N SER B 324 -15.81 1.04 -0.72
CA SER B 324 -17.03 1.30 0.05
C SER B 324 -16.98 0.64 1.41
N SER B 325 -16.53 -0.61 1.42
CA SER B 325 -16.45 -1.32 2.67
C SER B 325 -15.48 -0.66 3.66
N ALA B 326 -14.38 -0.11 3.16
CA ALA B 326 -13.43 0.62 4.01
C ALA B 326 -14.10 1.84 4.63
N LEU B 327 -14.92 2.52 3.84
CA LEU B 327 -15.70 3.65 4.34
C LEU B 327 -16.71 3.19 5.40
N TYR B 328 -17.44 2.11 5.10
CA TYR B 328 -18.50 1.64 5.99
C TYR B 328 -17.94 1.19 7.33
N GLU B 329 -16.71 0.66 7.29
CA GLU B 329 -16.08 0.24 8.53
C GLU B 329 -15.86 1.43 9.43
N ARG B 330 -15.51 2.57 8.83
CA ARG B 330 -15.39 3.79 9.61
C ARG B 330 -16.75 4.17 10.21
N PHE B 331 -17.83 4.06 9.43
CA PHE B 331 -19.17 4.34 9.96
C PHE B 331 -19.51 3.48 11.17
N SER B 332 -19.29 2.16 11.06
CA SER B 332 -19.67 1.25 12.16
C SER B 332 -18.74 1.43 13.35
N SER B 333 -17.53 1.89 13.09
CA SER B 333 -16.58 2.16 14.16
C SER B 333 -17.12 3.28 15.06
N ARG B 334 -18.01 4.11 14.50
CA ARG B 334 -18.69 5.11 15.32
C ARG B 334 -20.04 4.64 15.86
N GLY B 335 -20.39 3.37 15.68
CA GLY B 335 -21.66 2.86 16.20
C GLY B 335 -22.89 3.10 15.33
N GLU B 336 -22.71 3.66 14.14
CA GLU B 336 -23.80 3.97 13.25
C GLU B 336 -24.52 2.72 12.77
N ASP B 337 -23.91 1.56 13.00
CA ASP B 337 -24.58 0.29 12.72
C ASP B 337 -25.54 -0.13 13.84
N ASP B 338 -25.54 0.62 14.97
CA ASP B 338 -26.23 0.15 16.17
C ASP B 338 -27.68 -0.28 15.94
N PHE B 339 -28.40 0.52 15.18
CA PHE B 339 -29.80 0.22 14.92
C PHE B 339 -30.00 -1.03 14.05
N ALA B 340 -29.17 -1.20 13.02
CA ALA B 340 -29.21 -2.44 12.24
C ALA B 340 -28.95 -3.66 13.13
N ASN B 341 -28.00 -3.52 14.05
CA ASN B 341 -27.65 -4.62 14.98
C ASN B 341 -28.79 -5.01 15.93
N ARG B 342 -29.48 -4.02 16.46
CA ARG B 342 -30.59 -4.30 17.37
C ARG B 342 -31.69 -5.01 16.61
N LEU B 343 -31.89 -4.62 15.36
CA LEU B 343 -32.90 -5.28 14.55
C LEU B 343 -32.58 -6.76 14.28
N LEU B 344 -31.31 -7.09 14.08
CA LEU B 344 -30.90 -8.48 13.90
C LEU B 344 -31.13 -9.28 15.19
N SER B 345 -30.72 -8.72 16.33
CA SER B 345 -30.97 -9.35 17.62
C SER B 345 -32.46 -9.60 17.85
N ALA B 346 -33.27 -8.65 17.41
CA ALA B 346 -34.71 -8.73 17.61
C ALA B 346 -35.30 -9.81 16.71
N ARG B 348 -33.81 -12.48 15.69
CA ARG B 348 -33.39 -13.68 16.33
C ARG B 348 -34.32 -14.03 17.46
N TYR B 349 -34.68 -13.03 18.27
CA TYR B 349 -35.64 -13.17 19.34
C TYR B 349 -37.00 -13.63 18.86
N GLU B 350 -37.50 -12.96 17.84
CA GLU B 350 -38.71 -13.37 17.11
C GLU B 350 -38.76 -14.84 16.65
N PHE B 351 -37.71 -15.36 16.00
CA PHE B 351 -37.74 -16.73 15.44
C PHE B 351 -37.04 -17.75 16.31
#